data_5X4G
#
_entry.id   5X4G
#
_cell.length_a   40.104
_cell.length_b   100.448
_cell.length_c   108.175
_cell.angle_alpha   90.00
_cell.angle_beta   90.00
_cell.angle_gamma   90.00
#
_symmetry.space_group_name_H-M   'P 2 21 21'
#
loop_
_entity.id
_entity.type
_entity.pdbx_description
1 polymer '6H8 Fab heavy chain'
2 polymer '6H8 Fab light chain'
3 water water
#
loop_
_entity_poly.entity_id
_entity_poly.type
_entity_poly.pdbx_seq_one_letter_code
_entity_poly.pdbx_strand_id
1 'polypeptide(L)'
;MNFGLSWVFIVFLLKGVQSEVKLEESGGGLVQPGGSMKLSCVASGFTFSNFWMNWVRQSPEKGLEWVAEIRLKSNNYATH
YAESVKGRFTISRDDSKSSVYLQMNNLRTEDTGIYYCTSYDYEYWGQGTLVTVSAAKTTPPSVYPLAPGSAAQTNSMVTL
GCLVKGYFPEPVTVTWNSGSLSSGVHTFPAVLQSDLYTLSSSVTVPSSTWPSETVTCNVAHPASSTKVDKKIVPRDCTSK
P
;
A
2 'polypeptide(L)'
;MDTHTQVFISILLWLYGADGNIVMTQSPKSMSMSVGERVTLSCKASENVGTYVSWYQQKPEQSPKLLIYGASNRYTGVPD
RFTGSGSATDFTLTISSVQAEDLADYHCGQSYSYPFTFGSGTKLEIKRADAAPTVSIFPPSSEQLTSGGASVVCFLNNFY
PKDINVKWKIDGSERQNGVLNSWTDQDSKDSTYSMSSTLTLTKDEYERHNSYTCEATHKTSTSPIVKSFNRNEC
;
B
#
# COMPACT_ATOMS: atom_id res chain seq x y z
N VAL A 21 0.98 -15.73 -17.82
CA VAL A 21 2.37 -15.30 -17.60
C VAL A 21 2.61 -15.00 -16.13
N LYS A 22 3.77 -15.43 -15.63
CA LYS A 22 4.12 -15.19 -14.23
C LYS A 22 5.59 -14.81 -14.15
N LEU A 23 5.88 -13.76 -13.37
CA LEU A 23 7.24 -13.44 -12.95
C LEU A 23 7.24 -13.55 -11.44
N GLU A 24 8.00 -14.50 -10.91
CA GLU A 24 8.00 -14.79 -9.48
C GLU A 24 9.28 -14.24 -8.87
N GLU A 25 9.14 -13.24 -8.02
CA GLU A 25 10.30 -12.56 -7.44
C GLU A 25 10.68 -13.17 -6.10
N SER A 26 11.98 -13.17 -5.83
CA SER A 26 12.53 -13.64 -4.57
C SER A 26 13.57 -12.63 -4.09
N GLY A 27 13.80 -12.64 -2.80
CA GLY A 27 14.73 -11.72 -2.20
C GLY A 27 14.03 -10.50 -1.66
N GLY A 28 14.83 -9.62 -1.10
CA GLY A 28 14.34 -8.43 -0.47
C GLY A 28 14.51 -8.51 1.04
N GLY A 29 14.18 -7.40 1.69
CA GLY A 29 14.26 -7.29 3.12
C GLY A 29 15.20 -6.17 3.53
N LEU A 30 15.74 -6.30 4.74
CA LEU A 30 16.56 -5.26 5.35
C LEU A 30 18.03 -5.51 5.05
N VAL A 31 18.72 -4.44 4.70
CA VAL A 31 20.15 -4.46 4.42
C VAL A 31 20.75 -3.18 4.99
N GLN A 32 21.95 -3.30 5.55
CA GLN A 32 22.62 -2.16 6.14
C GLN A 32 23.15 -1.23 5.04
N PRO A 33 23.22 0.07 5.31
CA PRO A 33 23.85 0.98 4.35
C PRO A 33 25.27 0.51 4.06
N GLY A 34 25.65 0.57 2.79
CA GLY A 34 26.91 0.02 2.35
C GLY A 34 26.90 -1.46 2.05
N GLY A 35 25.79 -2.15 2.35
CA GLY A 35 25.72 -3.58 2.18
C GLY A 35 25.27 -4.00 0.80
N SER A 36 25.07 -5.31 0.65
CA SER A 36 24.76 -5.96 -0.61
C SER A 36 23.52 -6.82 -0.47
N MET A 37 22.77 -6.94 -1.57
CA MET A 37 21.57 -7.76 -1.61
C MET A 37 21.32 -8.15 -3.06
N LYS A 38 20.89 -9.40 -3.26
CA LYS A 38 20.57 -9.90 -4.59
C LYS A 38 19.09 -10.24 -4.68
N LEU A 39 18.45 -9.75 -5.73
CA LEU A 39 17.06 -10.06 -6.04
C LEU A 39 17.02 -11.02 -7.23
N SER A 40 16.04 -11.91 -7.25
CA SER A 40 15.89 -12.90 -8.29
C SER A 40 14.45 -12.89 -8.78
N CYS A 41 14.26 -13.37 -10.01
CA CYS A 41 12.93 -13.41 -10.60
C CYS A 41 12.93 -14.51 -11.64
N VAL A 42 12.00 -15.46 -11.51
CA VAL A 42 11.87 -16.57 -12.46
C VAL A 42 10.63 -16.35 -13.32
N ALA A 43 10.82 -16.43 -14.64
CA ALA A 43 9.76 -16.21 -15.61
C ALA A 43 9.15 -17.53 -16.02
N SER A 44 7.83 -17.52 -16.23
CA SER A 44 7.12 -18.63 -16.84
C SER A 44 5.97 -18.07 -17.66
N GLY A 45 5.75 -18.63 -18.84
CA GLY A 45 4.63 -18.21 -19.67
C GLY A 45 4.96 -17.21 -20.75
N PHE A 46 6.21 -16.81 -20.89
CA PHE A 46 6.67 -16.15 -22.10
C PHE A 46 8.05 -16.70 -22.40
N THR A 47 8.48 -16.56 -23.66
CA THR A 47 9.77 -17.12 -24.10
C THR A 47 10.87 -16.18 -23.62
N PHE A 48 11.35 -16.45 -22.40
CA PHE A 48 12.24 -15.54 -21.69
C PHE A 48 13.45 -15.12 -22.52
N SER A 49 14.09 -16.09 -23.19
CA SER A 49 15.31 -15.84 -23.95
C SER A 49 15.12 -14.86 -25.10
N ASN A 50 13.88 -14.54 -25.46
CA ASN A 50 13.61 -13.61 -26.55
C ASN A 50 13.24 -12.21 -26.06
N PHE A 51 13.22 -11.97 -24.76
CA PHE A 51 12.72 -10.71 -24.19
C PHE A 51 13.84 -9.97 -23.48
N TRP A 52 13.98 -8.68 -23.78
CA TRP A 52 14.73 -7.81 -22.88
C TRP A 52 14.01 -7.78 -21.53
N MET A 53 14.79 -7.66 -20.46
CA MET A 53 14.24 -7.62 -19.11
C MET A 53 14.76 -6.39 -18.39
N ASN A 54 13.96 -5.90 -17.45
CA ASN A 54 14.29 -4.71 -16.68
C ASN A 54 14.11 -4.98 -15.18
N TRP A 55 14.73 -4.12 -14.39
CA TRP A 55 14.28 -3.88 -13.02
C TRP A 55 13.76 -2.45 -12.92
N VAL A 56 12.69 -2.30 -12.13
CA VAL A 56 12.03 -1.04 -11.85
C VAL A 56 11.85 -0.99 -10.34
N ARG A 57 11.95 0.21 -9.77
CA ARG A 57 11.69 0.37 -8.34
C ARG A 57 10.68 1.48 -8.10
N GLN A 58 10.10 1.49 -6.91
CA GLN A 58 9.03 2.43 -6.59
C GLN A 58 9.15 2.86 -5.13
N SER A 59 8.97 4.15 -4.89
CA SER A 59 9.00 4.71 -3.54
C SER A 59 7.99 5.84 -3.47
N PRO A 60 7.47 6.13 -2.26
CA PRO A 60 6.63 7.33 -2.12
C PRO A 60 7.32 8.60 -2.55
N GLU A 61 8.60 8.76 -2.20
CA GLU A 61 9.30 10.01 -2.46
C GLU A 61 9.52 10.24 -3.94
N LYS A 62 9.75 9.17 -4.71
CA LYS A 62 10.24 9.34 -6.07
C LYS A 62 9.40 8.63 -7.13
N GLY A 63 8.39 7.87 -6.72
CA GLY A 63 7.54 7.19 -7.66
C GLY A 63 8.26 6.03 -8.33
N LEU A 64 7.76 5.66 -9.49
CA LEU A 64 8.33 4.59 -10.30
C LEU A 64 9.60 5.08 -11.02
N GLU A 65 10.67 4.29 -10.92
CA GLU A 65 11.95 4.57 -11.56
C GLU A 65 12.45 3.34 -12.27
N TRP A 66 12.86 3.49 -13.52
CA TRP A 66 13.56 2.42 -14.19
C TRP A 66 14.98 2.33 -13.65
N VAL A 67 15.45 1.09 -13.43
CA VAL A 67 16.75 0.81 -12.79
C VAL A 67 17.78 0.28 -13.79
N ALA A 68 17.42 -0.74 -14.56
CA ALA A 68 18.40 -1.40 -15.41
C ALA A 68 17.68 -2.25 -16.43
N GLU A 69 18.36 -2.49 -17.56
CA GLU A 69 17.87 -3.33 -18.64
C GLU A 69 18.96 -4.32 -19.02
N ILE A 70 18.55 -5.50 -19.47
CA ILE A 70 19.47 -6.48 -20.03
C ILE A 70 18.85 -7.08 -21.29
N ARG A 71 19.67 -7.19 -22.32
CA ARG A 71 19.20 -7.66 -23.62
C ARG A 71 19.53 -9.13 -23.87
N LEU A 72 19.68 -9.51 -25.13
CA LEU A 72 19.62 -10.92 -25.51
C LEU A 72 21.02 -11.49 -25.79
N LYS A 73 21.06 -12.83 -25.82
CA LYS A 73 22.29 -13.55 -26.17
C LYS A 73 22.88 -13.07 -27.49
N SER A 74 22.03 -12.78 -28.47
CA SER A 74 22.51 -12.33 -29.78
C SER A 74 23.32 -11.04 -29.70
N ASN A 75 23.06 -10.21 -28.69
CA ASN A 75 23.85 -9.00 -28.49
C ASN A 75 24.60 -9.03 -27.17
N ASN A 76 25.08 -10.22 -26.78
CA ASN A 76 26.03 -10.40 -25.70
C ASN A 76 25.47 -9.97 -24.35
N TYR A 77 24.15 -9.99 -24.21
CA TYR A 77 23.49 -9.61 -22.96
C TYR A 77 23.84 -8.18 -22.56
N ALA A 78 23.97 -7.30 -23.55
CA ALA A 78 24.32 -5.91 -23.28
C ALA A 78 23.30 -5.27 -22.35
N THR A 79 23.76 -4.31 -21.55
CA THR A 79 22.98 -3.73 -20.47
C THR A 79 22.87 -2.22 -20.61
N HIS A 80 21.90 -1.66 -19.86
CA HIS A 80 21.80 -0.24 -19.59
C HIS A 80 21.45 -0.07 -18.12
N TYR A 81 21.95 1.02 -17.52
CA TYR A 81 21.68 1.31 -16.11
C TYR A 81 21.27 2.76 -15.94
N ALA A 82 20.41 3.01 -14.95
CA ALA A 82 20.15 4.37 -14.52
C ALA A 82 21.42 4.94 -13.91
N GLU A 83 21.64 6.23 -14.14
CA GLU A 83 22.85 6.89 -13.65
C GLU A 83 23.00 6.74 -12.14
N SER A 84 21.88 6.72 -11.41
CA SER A 84 21.93 6.67 -9.95
C SER A 84 22.45 5.34 -9.41
N VAL A 85 22.44 4.27 -10.20
CA VAL A 85 22.90 2.96 -9.73
C VAL A 85 24.11 2.44 -10.50
N LYS A 86 24.55 3.16 -11.53
CA LYS A 86 25.69 2.70 -12.30
C LYS A 86 26.92 2.57 -11.42
N GLY A 87 27.62 1.44 -11.52
CA GLY A 87 28.77 1.18 -10.68
C GLY A 87 28.44 0.56 -9.34
N ARG A 88 27.16 0.45 -9.00
CA ARG A 88 26.73 -0.19 -7.76
C ARG A 88 25.82 -1.38 -7.97
N PHE A 89 25.06 -1.43 -9.06
CA PHE A 89 24.14 -2.53 -9.33
C PHE A 89 24.58 -3.30 -10.57
N THR A 90 24.23 -4.58 -10.62
CA THR A 90 24.50 -5.42 -11.78
C THR A 90 23.24 -6.19 -12.11
N ILE A 91 22.74 -6.00 -13.32
CA ILE A 91 21.65 -6.83 -13.81
C ILE A 91 22.25 -7.99 -14.58
N SER A 92 21.69 -9.19 -14.40
CA SER A 92 22.19 -10.37 -15.08
C SER A 92 21.02 -11.30 -15.35
N ARG A 93 21.26 -12.32 -16.17
CA ARG A 93 20.21 -13.27 -16.48
C ARG A 93 20.84 -14.64 -16.69
N ASP A 94 20.03 -15.67 -16.47
CA ASP A 94 20.42 -17.05 -16.73
C ASP A 94 19.29 -17.61 -17.58
N ASP A 95 19.49 -17.64 -18.91
CA ASP A 95 18.43 -18.08 -19.81
C ASP A 95 18.05 -19.53 -19.55
N SER A 96 19.01 -20.36 -19.12
CA SER A 96 18.69 -21.76 -18.85
C SER A 96 17.71 -21.91 -17.69
N LYS A 97 17.68 -20.94 -16.78
CA LYS A 97 16.74 -20.94 -15.66
C LYS A 97 15.59 -19.97 -15.87
N SER A 98 15.50 -19.32 -17.04
CA SER A 98 14.47 -18.32 -17.31
C SER A 98 14.40 -17.27 -16.20
N SER A 99 15.58 -16.82 -15.75
CA SER A 99 15.69 -16.00 -14.55
C SER A 99 16.49 -14.74 -14.81
N VAL A 100 16.06 -13.65 -14.17
CA VAL A 100 16.77 -12.37 -14.19
C VAL A 100 17.11 -12.01 -12.75
N TYR A 101 18.23 -11.30 -12.57
CA TYR A 101 18.77 -11.03 -11.25
C TYR A 101 19.19 -9.57 -11.16
N LEU A 102 19.16 -9.04 -9.94
CA LEU A 102 19.71 -7.71 -9.67
C LEU A 102 20.59 -7.82 -8.43
N GLN A 103 21.89 -7.62 -8.63
CA GLN A 103 22.84 -7.59 -7.52
C GLN A 103 23.09 -6.13 -7.16
N MET A 104 22.79 -5.78 -5.92
CA MET A 104 22.93 -4.42 -5.45
C MET A 104 24.07 -4.38 -4.44
N ASN A 105 24.98 -3.44 -4.63
CA ASN A 105 26.13 -3.29 -3.74
C ASN A 105 26.23 -1.84 -3.31
N ASN A 106 26.99 -1.61 -2.25
CA ASN A 106 27.17 -0.27 -1.68
C ASN A 106 25.84 0.45 -1.59
N LEU A 107 24.86 -0.26 -1.03
CA LEU A 107 23.50 0.24 -0.99
C LEU A 107 23.41 1.50 -0.14
N ARG A 108 22.49 2.39 -0.53
CA ARG A 108 22.27 3.66 0.11
C ARG A 108 20.81 3.73 0.55
N THR A 109 20.52 4.57 1.56
CA THR A 109 19.12 4.66 1.98
C THR A 109 18.20 5.11 0.86
N GLU A 110 18.67 5.94 -0.08
CA GLU A 110 17.81 6.33 -1.21
C GLU A 110 17.50 5.17 -2.14
N ASP A 111 18.17 4.04 -1.97
CA ASP A 111 17.81 2.85 -2.72
C ASP A 111 16.63 2.09 -2.13
N THR A 112 16.12 2.47 -0.95
CA THR A 112 14.98 1.69 -0.45
C THR A 112 13.73 1.91 -1.29
N GLY A 113 12.98 0.84 -1.47
CA GLY A 113 11.77 0.90 -2.24
C GLY A 113 11.34 -0.50 -2.62
N ILE A 114 10.25 -0.56 -3.37
CA ILE A 114 9.70 -1.81 -3.89
C ILE A 114 10.36 -2.07 -5.22
N TYR A 115 11.00 -3.23 -5.37
CA TYR A 115 11.69 -3.57 -6.62
C TYR A 115 10.89 -4.61 -7.38
N TYR A 116 10.70 -4.37 -8.68
CA TYR A 116 9.98 -5.27 -9.56
C TYR A 116 10.89 -5.66 -10.71
N CYS A 117 10.87 -6.93 -11.08
CA CYS A 117 11.39 -7.32 -12.38
C CYS A 117 10.28 -7.17 -13.41
N THR A 118 10.67 -6.83 -14.63
CA THR A 118 9.68 -6.57 -15.66
C THR A 118 10.27 -7.00 -17.01
N SER A 119 9.39 -7.23 -17.97
CA SER A 119 9.85 -7.45 -19.34
C SER A 119 9.92 -6.12 -20.08
N TYR A 120 10.34 -6.16 -21.36
CA TYR A 120 10.36 -4.93 -22.16
C TYR A 120 8.96 -4.34 -22.28
N ASP A 121 8.90 -3.01 -22.36
CA ASP A 121 7.65 -2.24 -22.39
C ASP A 121 6.88 -2.38 -21.08
N TYR A 122 7.45 -3.04 -20.08
CA TYR A 122 6.76 -3.33 -18.83
C TYR A 122 5.48 -4.12 -19.07
N GLU A 123 5.56 -5.07 -20.01
CA GLU A 123 4.39 -5.88 -20.33
C GLU A 123 4.07 -6.87 -19.22
N TYR A 124 5.09 -7.49 -18.64
CA TYR A 124 4.93 -8.45 -17.57
C TYR A 124 5.72 -7.95 -16.37
N TRP A 125 5.14 -8.08 -15.17
CA TRP A 125 5.71 -7.57 -13.93
C TRP A 125 5.76 -8.66 -12.87
N GLY A 126 6.82 -8.68 -12.08
CA GLY A 126 6.81 -9.47 -10.86
C GLY A 126 5.95 -8.82 -9.79
N GLN A 127 5.80 -9.52 -8.67
CA GLN A 127 4.91 -9.04 -7.62
C GLN A 127 5.51 -7.92 -6.78
N GLY A 128 6.82 -7.72 -6.85
CA GLY A 128 7.46 -6.66 -6.09
C GLY A 128 7.97 -7.12 -4.74
N THR A 129 9.12 -6.63 -4.33
CA THR A 129 9.66 -6.94 -3.02
C THR A 129 10.29 -5.68 -2.42
N LEU A 130 10.06 -5.47 -1.13
CA LEU A 130 10.52 -4.26 -0.45
C LEU A 130 11.95 -4.43 0.00
N VAL A 131 12.82 -3.54 -0.47
CA VAL A 131 14.20 -3.45 -0.03
C VAL A 131 14.29 -2.26 0.90
N THR A 132 14.69 -2.49 2.15
CA THR A 132 14.87 -1.44 3.13
C THR A 132 16.36 -1.31 3.44
N VAL A 133 16.92 -0.13 3.19
CA VAL A 133 18.33 0.14 3.49
C VAL A 133 18.37 0.99 4.74
N SER A 134 18.85 0.39 5.83
CA SER A 134 18.80 1.06 7.13
C SER A 134 19.75 0.35 8.08
N ALA A 135 20.31 1.13 9.00
CA ALA A 135 21.12 0.62 10.08
C ALA A 135 20.29 0.19 11.29
N ALA A 136 18.99 0.49 11.28
CA ALA A 136 18.12 0.08 12.38
C ALA A 136 17.95 -1.44 12.39
N LYS A 137 17.69 -1.99 13.57
CA LYS A 137 17.71 -3.43 13.73
C LYS A 137 16.33 -4.03 13.54
N THR A 138 16.31 -5.25 12.99
CA THR A 138 15.08 -6.01 12.87
C THR A 138 14.44 -6.16 14.24
N THR A 139 13.15 -5.93 14.30
CA THR A 139 12.41 -6.03 15.54
C THR A 139 11.07 -6.69 15.23
N PRO A 140 10.72 -7.79 15.89
CA PRO A 140 9.43 -8.44 15.62
C PRO A 140 8.27 -7.64 16.19
N PRO A 141 7.07 -7.84 15.65
CA PRO A 141 5.91 -7.07 16.11
C PRO A 141 5.35 -7.61 17.41
N SER A 142 4.83 -6.69 18.21
CA SER A 142 3.91 -7.03 19.28
C SER A 142 2.51 -6.91 18.70
N VAL A 143 1.69 -7.93 18.90
CA VAL A 143 0.35 -8.01 18.33
C VAL A 143 -0.65 -8.00 19.47
N TYR A 144 -1.44 -6.94 19.56
CA TYR A 144 -2.35 -6.77 20.67
C TYR A 144 -3.79 -6.91 20.21
N PRO A 145 -4.63 -7.60 20.98
CA PRO A 145 -6.03 -7.78 20.58
C PRO A 145 -6.83 -6.52 20.83
N LEU A 146 -7.75 -6.23 19.92
CA LEU A 146 -8.72 -5.14 20.09
C LEU A 146 -10.09 -5.78 20.23
N ALA A 147 -10.61 -5.84 21.46
CA ALA A 147 -11.92 -6.35 21.77
C ALA A 147 -12.74 -5.25 22.44
N PRO A 148 -14.04 -5.18 22.18
CA PRO A 148 -14.82 -4.04 22.71
C PRO A 148 -14.91 -4.07 24.23
N GLY A 149 -15.01 -2.89 24.82
CA GLY A 149 -15.18 -2.79 26.25
C GLY A 149 -16.43 -3.52 26.72
N SER A 150 -16.40 -3.92 28.01
CA SER A 150 -17.50 -4.69 28.56
C SER A 150 -18.82 -3.92 28.50
N ALA A 151 -18.77 -2.60 28.65
CA ALA A 151 -19.96 -1.76 28.60
C ALA A 151 -20.23 -1.18 27.23
N ALA A 152 -19.64 -1.75 26.18
CA ALA A 152 -19.94 -1.30 24.83
C ALA A 152 -21.36 -1.70 24.45
N GLN A 153 -21.93 -0.97 23.50
CA GLN A 153 -23.34 -1.13 23.16
C GLN A 153 -23.56 -2.40 22.35
N THR A 154 -24.81 -2.63 21.98
CA THR A 154 -25.20 -3.79 21.18
C THR A 154 -25.60 -3.35 19.77
N ASN A 155 -25.27 -4.20 18.81
CA ASN A 155 -25.59 -3.96 17.41
C ASN A 155 -25.58 -5.31 16.70
N SER A 156 -26.17 -5.34 15.50
CA SER A 156 -26.19 -6.58 14.72
C SER A 156 -24.81 -6.98 14.21
N MET A 157 -23.87 -6.05 14.16
CA MET A 157 -22.49 -6.30 13.74
C MET A 157 -21.57 -5.95 14.90
N VAL A 158 -20.40 -6.59 14.92
CA VAL A 158 -19.37 -6.28 15.90
C VAL A 158 -18.07 -6.08 15.14
N THR A 159 -17.28 -5.07 15.56
CA THR A 159 -15.97 -4.81 14.98
C THR A 159 -14.91 -5.22 15.98
N LEU A 160 -13.94 -5.99 15.51
CA LEU A 160 -12.80 -6.47 16.28
C LEU A 160 -11.54 -6.03 15.58
N GLY A 161 -10.40 -6.16 16.25
CA GLY A 161 -9.21 -5.75 15.54
C GLY A 161 -7.95 -6.28 16.19
N CYS A 162 -6.83 -5.92 15.56
CA CYS A 162 -5.50 -6.20 16.07
C CYS A 162 -4.62 -4.99 15.84
N LEU A 163 -3.84 -4.66 16.85
CA LEU A 163 -2.89 -3.56 16.79
C LEU A 163 -1.50 -4.17 16.74
N VAL A 164 -0.73 -3.80 15.72
CA VAL A 164 0.57 -4.40 15.43
C VAL A 164 1.61 -3.33 15.63
N LYS A 165 2.36 -3.41 16.72
CA LYS A 165 3.20 -2.30 17.14
C LYS A 165 4.66 -2.69 17.28
N GLY A 166 5.53 -1.76 16.93
CA GLY A 166 6.92 -1.86 17.30
C GLY A 166 7.77 -2.80 16.48
N TYR A 167 7.51 -2.88 15.17
CA TYR A 167 8.30 -3.76 14.32
C TYR A 167 9.15 -2.99 13.33
N PHE A 168 10.16 -3.67 12.83
CA PHE A 168 11.01 -3.13 11.77
C PHE A 168 11.69 -4.29 11.09
N PRO A 169 11.84 -4.25 9.76
CA PRO A 169 11.35 -3.30 8.77
C PRO A 169 9.92 -3.68 8.35
N GLU A 170 9.37 -2.94 7.41
CA GLU A 170 8.20 -3.41 6.69
C GLU A 170 8.64 -4.54 5.75
N PRO A 171 7.70 -5.38 5.29
CA PRO A 171 6.27 -5.37 5.59
C PRO A 171 5.86 -6.38 6.66
N VAL A 172 4.64 -6.20 7.14
CA VAL A 172 3.89 -7.27 7.79
C VAL A 172 2.69 -7.55 6.91
N THR A 173 2.20 -8.78 6.97
CA THR A 173 0.95 -9.14 6.32
C THR A 173 -0.03 -9.59 7.38
N VAL A 174 -1.26 -9.16 7.24
CA VAL A 174 -2.32 -9.47 8.18
C VAL A 174 -3.38 -10.26 7.44
N THR A 175 -3.77 -11.40 8.01
CA THR A 175 -4.97 -12.10 7.62
C THR A 175 -5.83 -12.33 8.86
N TRP A 176 -7.06 -12.76 8.63
CA TRP A 176 -8.00 -13.11 9.69
C TRP A 176 -8.47 -14.53 9.44
N ASN A 177 -8.39 -15.36 10.49
CA ASN A 177 -8.70 -16.80 10.40
C ASN A 177 -7.96 -17.45 9.24
N SER A 178 -6.67 -17.14 9.14
CA SER A 178 -5.79 -17.69 8.12
C SER A 178 -6.29 -17.44 6.70
N GLY A 179 -7.03 -16.34 6.53
CA GLY A 179 -7.52 -15.91 5.25
C GLY A 179 -8.98 -16.21 4.99
N SER A 180 -9.64 -16.97 5.86
CA SER A 180 -11.03 -17.31 5.59
C SER A 180 -12.01 -16.18 5.91
N LEU A 181 -11.58 -15.15 6.64
CA LEU A 181 -12.38 -13.94 6.81
C LEU A 181 -11.73 -12.82 6.01
N SER A 182 -12.45 -12.29 5.04
CA SER A 182 -11.92 -11.25 4.18
C SER A 182 -12.91 -10.14 3.87
N SER A 183 -14.21 -10.43 3.83
CA SER A 183 -15.18 -9.44 3.38
C SER A 183 -15.23 -8.24 4.32
N GLY A 184 -15.15 -8.48 5.63
CA GLY A 184 -15.30 -7.38 6.57
C GLY A 184 -14.02 -6.76 7.08
N VAL A 185 -12.91 -6.92 6.34
CA VAL A 185 -11.56 -6.59 6.82
C VAL A 185 -11.11 -5.24 6.27
N HIS A 186 -10.50 -4.41 7.13
CA HIS A 186 -9.72 -3.26 6.71
C HIS A 186 -8.36 -3.35 7.40
N THR A 187 -7.28 -3.46 6.65
CA THR A 187 -5.97 -3.26 7.26
C THR A 187 -5.31 -1.99 6.78
N PHE A 188 -4.83 -1.24 7.70
CA PHE A 188 -4.41 0.13 7.50
C PHE A 188 -2.91 0.21 7.21
N PRO A 189 -2.50 1.18 6.42
CA PRO A 189 -1.08 1.33 6.15
C PRO A 189 -0.30 1.58 7.43
N ALA A 190 0.93 1.08 7.45
CA ALA A 190 1.78 1.26 8.60
C ALA A 190 2.26 2.70 8.68
N VAL A 191 2.56 3.14 9.90
CA VAL A 191 3.18 4.43 10.12
C VAL A 191 4.46 4.24 10.91
N LEU A 192 5.52 4.94 10.50
CA LEU A 192 6.83 4.85 11.12
C LEU A 192 6.99 5.92 12.20
N GLN A 193 7.47 5.51 13.37
CA GLN A 193 7.83 6.41 14.45
C GLN A 193 9.12 5.92 15.09
N SER A 194 10.20 6.69 14.92
CA SER A 194 11.49 6.40 15.52
C SER A 194 11.92 4.94 15.37
N ASP A 195 12.19 4.52 14.13
CA ASP A 195 12.73 3.21 13.77
C ASP A 195 11.76 2.06 13.98
N LEU A 196 10.48 2.33 14.31
CA LEU A 196 9.51 1.28 14.53
C LEU A 196 8.18 1.62 13.84
N TYR A 197 7.58 0.61 13.24
CA TYR A 197 6.31 0.74 12.53
C TYR A 197 5.16 0.28 13.40
N THR A 198 3.99 0.89 13.19
CA THR A 198 2.74 0.45 13.80
C THR A 198 1.67 0.39 12.72
N LEU A 199 0.89 -0.69 12.74
CA LEU A 199 -0.22 -0.91 11.82
C LEU A 199 -1.40 -1.42 12.64
N SER A 200 -2.59 -1.34 12.06
CA SER A 200 -3.77 -1.93 12.69
C SER A 200 -4.63 -2.58 11.62
N SER A 201 -5.49 -3.49 12.05
CA SER A 201 -6.42 -4.14 11.14
C SER A 201 -7.72 -4.36 11.89
N SER A 202 -8.84 -4.11 11.21
CA SER A 202 -10.15 -4.35 11.80
C SER A 202 -10.89 -5.38 10.98
N VAL A 203 -11.78 -6.11 11.64
CA VAL A 203 -12.69 -7.02 10.96
C VAL A 203 -14.07 -6.87 11.58
N THR A 204 -15.10 -6.87 10.74
CA THR A 204 -16.47 -6.70 11.20
C THR A 204 -17.27 -7.94 10.79
N VAL A 205 -17.89 -8.58 11.76
CA VAL A 205 -18.67 -9.80 11.52
C VAL A 205 -20.02 -9.65 12.22
N PRO A 206 -20.99 -10.47 11.85
CA PRO A 206 -22.26 -10.47 12.60
C PRO A 206 -22.04 -10.75 14.08
N SER A 207 -22.73 -9.98 14.94
CA SER A 207 -22.50 -10.03 16.37
C SER A 207 -22.98 -11.33 17.03
N SER A 208 -23.94 -12.02 16.43
CA SER A 208 -24.35 -13.31 16.97
C SER A 208 -23.27 -14.38 16.79
N THR A 209 -22.29 -14.16 15.92
CA THR A 209 -21.28 -15.16 15.60
C THR A 209 -20.00 -15.04 16.42
N TRP A 210 -19.89 -14.03 17.26
CA TRP A 210 -18.70 -13.89 18.09
C TRP A 210 -19.17 -13.64 19.53
N PRO A 211 -18.58 -14.37 20.51
CA PRO A 211 -17.39 -15.22 20.37
C PRO A 211 -17.59 -16.67 19.93
N SER A 212 -18.82 -17.08 19.59
CA SER A 212 -19.05 -18.51 19.36
C SER A 212 -18.24 -19.05 18.19
N GLU A 213 -18.09 -18.27 17.12
CA GLU A 213 -17.29 -18.64 15.97
C GLU A 213 -16.05 -17.78 15.98
N THR A 214 -14.93 -18.39 16.31
CA THR A 214 -13.75 -17.63 16.73
C THR A 214 -13.19 -16.75 15.62
N VAL A 215 -12.51 -15.69 16.04
CA VAL A 215 -11.90 -14.71 15.16
C VAL A 215 -10.47 -14.49 15.64
N THR A 216 -9.50 -14.73 14.76
CA THR A 216 -8.07 -14.67 15.06
C THR A 216 -7.38 -13.84 13.98
N CYS A 217 -6.53 -12.90 14.38
CA CYS A 217 -5.68 -12.23 13.40
C CYS A 217 -4.33 -12.93 13.32
N ASN A 218 -3.82 -13.06 12.10
CA ASN A 218 -2.52 -13.66 11.85
C ASN A 218 -1.62 -12.58 11.26
N VAL A 219 -0.54 -12.28 11.95
CA VAL A 219 0.36 -11.20 11.57
C VAL A 219 1.72 -11.81 11.26
N ALA A 220 2.09 -11.82 9.99
CA ALA A 220 3.36 -12.40 9.56
C ALA A 220 4.37 -11.30 9.31
N HIS A 221 5.57 -11.48 9.85
CA HIS A 221 6.69 -10.55 9.69
C HIS A 221 7.90 -11.33 9.21
N PRO A 222 8.03 -11.52 7.89
CA PRO A 222 9.12 -12.37 7.39
C PRO A 222 10.50 -11.89 7.76
N ALA A 223 10.72 -10.59 7.92
CA ALA A 223 12.07 -10.14 8.24
C ALA A 223 12.56 -10.70 9.57
N SER A 224 11.65 -10.89 10.53
CA SER A 224 12.03 -11.43 11.84
C SER A 224 11.65 -12.90 11.98
N SER A 225 11.17 -13.52 10.91
CA SER A 225 10.79 -14.92 10.93
C SER A 225 9.72 -15.22 11.97
N THR A 226 8.78 -14.28 12.14
CA THR A 226 7.77 -14.37 13.20
C THR A 226 6.37 -14.18 12.63
N LYS A 227 5.51 -15.12 12.93
CA LYS A 227 4.07 -14.94 12.72
C LYS A 227 3.38 -15.08 14.07
N VAL A 228 2.45 -14.18 14.35
CA VAL A 228 1.69 -14.22 15.60
C VAL A 228 0.22 -14.36 15.24
N ASP A 229 -0.44 -15.32 15.87
CA ASP A 229 -1.88 -15.54 15.71
C ASP A 229 -2.54 -15.19 17.03
N LYS A 230 -3.28 -14.10 17.05
CA LYS A 230 -3.93 -13.60 18.26
C LYS A 230 -5.42 -13.83 18.14
N LYS A 231 -5.97 -14.73 18.95
CA LYS A 231 -7.42 -14.91 18.99
C LYS A 231 -8.03 -13.77 19.80
N ILE A 232 -9.13 -13.21 19.29
CA ILE A 232 -9.78 -12.09 19.95
C ILE A 232 -10.89 -12.65 20.81
N VAL A 233 -10.73 -12.56 22.13
CA VAL A 233 -11.73 -13.08 23.04
C VAL A 233 -12.38 -11.95 23.82
N PRO A 234 -13.60 -12.12 24.31
CA PRO A 234 -14.28 -11.02 25.00
C PRO A 234 -13.55 -10.61 26.28
N ARG A 235 -13.67 -9.32 26.60
CA ARG A 235 -13.20 -8.79 27.87
C ARG A 235 -14.22 -9.04 28.97
N ASN B 21 17.53 13.91 -18.76
CA ASN B 21 16.47 12.92 -18.60
C ASN B 21 15.14 13.53 -19.01
N ILE B 22 14.34 12.75 -19.71
CA ILE B 22 13.02 13.21 -20.12
C ILE B 22 12.07 13.11 -18.93
N VAL B 23 11.37 14.20 -18.67
CA VAL B 23 10.40 14.29 -17.58
C VAL B 23 9.01 14.10 -18.15
N MET B 24 8.25 13.17 -17.58
CA MET B 24 6.86 12.98 -17.92
C MET B 24 6.03 13.57 -16.79
N THR B 25 5.16 14.52 -17.13
CA THR B 25 4.36 15.27 -16.16
C THR B 25 2.89 14.90 -16.29
N GLN B 26 2.29 14.55 -15.16
CA GLN B 26 0.87 14.25 -15.08
C GLN B 26 0.24 15.16 -14.04
N SER B 27 -0.90 15.73 -14.39
CA SER B 27 -1.65 16.63 -13.52
C SER B 27 -3.10 16.55 -13.98
N PRO B 28 -4.05 16.66 -13.04
CA PRO B 28 -3.83 16.79 -11.60
C PRO B 28 -3.49 15.46 -10.93
N LYS B 29 -3.25 15.47 -9.62
CA LYS B 29 -2.92 14.25 -8.90
C LYS B 29 -4.11 13.30 -8.85
N SER B 30 -5.33 13.84 -8.87
CA SER B 30 -6.52 13.03 -8.65
C SER B 30 -7.69 13.57 -9.47
N MET B 31 -8.57 12.66 -9.87
CA MET B 31 -9.86 13.05 -10.42
C MET B 31 -10.97 12.15 -9.91
N SER B 32 -12.12 12.77 -9.62
CA SER B 32 -13.24 12.12 -8.97
C SER B 32 -14.36 12.03 -9.98
N MET B 33 -14.75 10.80 -10.34
CA MET B 33 -15.68 10.56 -11.42
C MET B 33 -16.80 9.62 -10.98
N SER B 34 -17.99 9.83 -11.53
CA SER B 34 -19.08 8.89 -11.33
C SER B 34 -19.00 7.77 -12.35
N VAL B 35 -19.46 6.58 -11.93
CA VAL B 35 -19.55 5.44 -12.84
C VAL B 35 -20.36 5.83 -14.06
N GLY B 36 -19.85 5.48 -15.24
CA GLY B 36 -20.48 5.81 -16.50
C GLY B 36 -19.98 7.08 -17.15
N GLU B 37 -19.21 7.90 -16.45
CA GLU B 37 -18.74 9.15 -17.03
C GLU B 37 -17.45 8.93 -17.83
N ARG B 38 -17.16 9.91 -18.69
CA ARG B 38 -15.93 9.92 -19.47
C ARG B 38 -14.86 10.68 -18.70
N VAL B 39 -13.65 10.14 -18.68
CA VAL B 39 -12.50 10.83 -18.10
C VAL B 39 -11.34 10.78 -19.07
N THR B 40 -10.61 11.90 -19.14
CA THR B 40 -9.45 12.04 -19.99
C THR B 40 -8.26 12.40 -19.10
N LEU B 41 -7.21 11.58 -19.14
CA LEU B 41 -5.99 11.77 -18.38
C LEU B 41 -4.91 12.29 -19.30
N SER B 42 -4.15 13.28 -18.86
CA SER B 42 -3.14 13.88 -19.71
C SER B 42 -1.72 13.61 -19.20
N CYS B 43 -0.78 13.62 -20.12
CA CYS B 43 0.62 13.34 -19.82
C CYS B 43 1.48 14.15 -20.76
N LYS B 44 2.35 14.98 -20.19
CA LYS B 44 3.21 15.89 -20.94
C LYS B 44 4.65 15.40 -20.85
N ALA B 45 5.32 15.31 -22.00
CA ALA B 45 6.73 14.96 -22.06
C ALA B 45 7.58 16.21 -22.25
N SER B 46 8.74 16.26 -21.56
CA SER B 46 9.62 17.43 -21.68
C SER B 46 10.43 17.45 -22.96
N GLU B 47 10.38 16.38 -23.73
CA GLU B 47 11.05 16.27 -25.02
C GLU B 47 10.12 15.51 -25.94
N ASN B 48 10.35 15.64 -27.24
CA ASN B 48 9.58 14.92 -28.25
C ASN B 48 9.94 13.43 -28.18
N VAL B 49 9.01 12.60 -27.73
CA VAL B 49 9.21 11.17 -27.58
C VAL B 49 8.50 10.37 -28.67
N GLY B 50 8.11 11.02 -29.77
CA GLY B 50 7.43 10.30 -30.85
C GLY B 50 6.17 9.62 -30.35
N THR B 51 6.06 8.32 -30.63
CA THR B 51 4.94 7.51 -30.14
C THR B 51 5.35 6.51 -29.06
N TYR B 52 6.54 6.66 -28.48
CA TYR B 52 7.04 5.70 -27.50
C TYR B 52 6.51 5.95 -26.11
N VAL B 53 5.20 6.01 -25.96
CA VAL B 53 4.56 6.24 -24.67
C VAL B 53 3.60 5.08 -24.37
N SER B 54 3.65 4.63 -23.13
CA SER B 54 2.74 3.58 -22.66
C SER B 54 1.99 4.08 -21.44
N TRP B 55 0.85 3.45 -21.18
CA TRP B 55 0.02 3.78 -20.03
C TRP B 55 -0.17 2.53 -19.17
N TYR B 56 -0.13 2.73 -17.86
CA TYR B 56 -0.19 1.65 -16.88
C TYR B 56 -1.23 1.97 -15.82
N GLN B 57 -1.88 0.93 -15.32
CA GLN B 57 -2.88 1.03 -14.27
C GLN B 57 -2.30 0.35 -13.04
N GLN B 58 -2.25 1.05 -11.91
CA GLN B 58 -1.75 0.45 -10.69
C GLN B 58 -2.76 0.61 -9.57
N LYS B 59 -3.19 -0.51 -9.02
CA LYS B 59 -4.01 -0.55 -7.82
C LYS B 59 -3.14 -0.77 -6.60
N PRO B 60 -3.61 -0.42 -5.40
CA PRO B 60 -2.74 -0.50 -4.21
C PRO B 60 -2.28 -1.93 -3.94
N GLU B 61 -1.03 -2.02 -3.49
CA GLU B 61 -0.37 -3.30 -3.16
C GLU B 61 -0.27 -4.23 -4.36
N GLN B 62 -0.37 -3.70 -5.57
CA GLN B 62 -0.25 -4.48 -6.78
C GLN B 62 0.78 -3.85 -7.71
N SER B 63 1.34 -4.66 -8.59
CA SER B 63 2.20 -4.15 -9.62
C SER B 63 1.36 -3.42 -10.66
N PRO B 64 1.96 -2.48 -11.41
CA PRO B 64 1.23 -1.85 -12.52
C PRO B 64 0.91 -2.88 -13.60
N LYS B 65 -0.12 -2.56 -14.40
CA LYS B 65 -0.53 -3.38 -15.53
C LYS B 65 -0.54 -2.53 -16.79
N LEU B 66 0.01 -3.08 -17.88
CA LEU B 66 0.05 -2.37 -19.16
C LEU B 66 -1.35 -2.23 -19.75
N LEU B 67 -1.70 -1.02 -20.18
CA LEU B 67 -2.97 -0.73 -20.83
C LEU B 67 -2.81 -0.38 -22.29
N ILE B 68 -1.87 0.52 -22.60
CA ILE B 68 -1.69 1.09 -23.92
C ILE B 68 -0.20 1.13 -24.18
N TYR B 69 0.21 0.78 -25.40
CA TYR B 69 1.59 0.93 -25.81
C TYR B 69 1.64 1.62 -27.17
N GLY B 70 2.80 2.19 -27.48
CA GLY B 70 2.92 2.91 -28.75
C GLY B 70 1.95 4.06 -28.89
N ALA B 71 1.61 4.72 -27.78
CA ALA B 71 0.72 5.87 -27.68
C ALA B 71 -0.76 5.52 -27.85
N SER B 72 -1.07 4.62 -28.78
CA SER B 72 -2.46 4.39 -29.17
C SER B 72 -2.88 2.93 -29.29
N ASN B 73 -1.99 1.96 -29.06
CA ASN B 73 -2.33 0.55 -29.24
C ASN B 73 -2.83 -0.04 -27.92
N ARG B 74 -4.06 -0.54 -27.92
CA ARG B 74 -4.62 -1.16 -26.73
C ARG B 74 -4.04 -2.55 -26.54
N TYR B 75 -3.55 -2.82 -25.33
CA TYR B 75 -2.92 -4.10 -25.05
C TYR B 75 -3.97 -5.20 -24.96
N THR B 76 -3.54 -6.42 -25.29
CA THR B 76 -4.43 -7.58 -25.28
C THR B 76 -5.13 -7.72 -23.94
N GLY B 77 -6.45 -7.94 -23.99
CA GLY B 77 -7.23 -8.17 -22.79
C GLY B 77 -7.74 -6.93 -22.10
N VAL B 78 -7.26 -5.75 -22.48
CA VAL B 78 -7.71 -4.50 -21.87
C VAL B 78 -9.09 -4.15 -22.42
N PRO B 79 -10.04 -3.75 -21.58
CA PRO B 79 -11.38 -3.43 -22.08
C PRO B 79 -11.34 -2.29 -23.09
N ASP B 80 -12.30 -2.30 -24.03
CA ASP B 80 -12.25 -1.31 -25.09
C ASP B 80 -12.64 0.10 -24.63
N ARG B 81 -13.13 0.26 -23.41
CA ARG B 81 -13.38 1.60 -22.88
C ARG B 81 -12.08 2.39 -22.73
N PHE B 82 -10.93 1.73 -22.77
CA PHE B 82 -9.64 2.39 -22.64
C PHE B 82 -9.08 2.70 -24.03
N THR B 83 -8.78 3.96 -24.29
CA THR B 83 -8.08 4.35 -25.50
C THR B 83 -6.92 5.29 -25.14
N GLY B 84 -5.92 5.33 -26.02
CA GLY B 84 -4.83 6.27 -25.88
C GLY B 84 -4.61 7.02 -27.18
N SER B 85 -4.15 8.25 -27.05
CA SER B 85 -3.91 9.09 -28.23
C SER B 85 -2.79 10.07 -27.90
N GLY B 86 -2.39 10.83 -28.92
CA GLY B 86 -1.37 11.84 -28.77
C GLY B 86 -0.04 11.41 -29.37
N SER B 87 0.86 12.37 -29.42
CA SER B 87 2.19 12.15 -29.98
C SER B 87 3.07 13.35 -29.66
N ALA B 88 4.37 13.15 -29.85
CA ALA B 88 5.44 14.11 -29.56
C ALA B 88 5.54 14.43 -28.08
N THR B 89 4.76 15.39 -27.59
CA THR B 89 4.93 15.86 -26.21
C THR B 89 3.67 15.81 -25.37
N ASP B 90 2.53 15.43 -25.94
CA ASP B 90 1.29 15.41 -25.18
C ASP B 90 0.55 14.12 -25.50
N PHE B 91 0.09 13.44 -24.45
CA PHE B 91 -0.50 12.11 -24.56
C PHE B 91 -1.73 12.05 -23.67
N THR B 92 -2.73 11.28 -24.12
CA THR B 92 -4.00 11.19 -23.44
C THR B 92 -4.44 9.74 -23.28
N LEU B 93 -4.93 9.40 -22.09
CA LEU B 93 -5.65 8.16 -21.86
C LEU B 93 -7.11 8.51 -21.60
N THR B 94 -8.02 7.93 -22.38
CA THR B 94 -9.44 8.17 -22.21
C THR B 94 -10.12 6.89 -21.75
N ILE B 95 -10.94 7.01 -20.71
CA ILE B 95 -11.86 5.98 -20.30
C ILE B 95 -13.25 6.46 -20.69
N SER B 96 -13.87 5.77 -21.64
CA SER B 96 -15.13 6.26 -22.22
C SER B 96 -16.27 6.22 -21.22
N SER B 97 -16.30 5.18 -20.38
CA SER B 97 -17.36 5.03 -19.38
C SER B 97 -16.69 4.38 -18.17
N VAL B 98 -16.43 5.20 -17.14
CA VAL B 98 -15.72 4.74 -15.96
C VAL B 98 -16.52 3.65 -15.27
N GLN B 99 -15.84 2.56 -14.90
CA GLN B 99 -16.43 1.50 -14.10
C GLN B 99 -15.78 1.48 -12.73
N ALA B 100 -16.50 0.91 -11.75
CA ALA B 100 -15.96 0.85 -10.39
C ALA B 100 -14.60 0.16 -10.34
N GLU B 101 -14.39 -0.85 -11.18
CA GLU B 101 -13.11 -1.55 -11.22
C GLU B 101 -11.97 -0.68 -11.74
N ASP B 102 -12.26 0.53 -12.24
CA ASP B 102 -11.23 1.40 -12.80
C ASP B 102 -10.55 2.26 -11.73
N LEU B 103 -10.99 2.15 -10.49
CA LEU B 103 -10.35 2.77 -9.34
C LEU B 103 -8.89 2.36 -9.27
N ALA B 104 -7.98 3.30 -9.51
CA ALA B 104 -6.56 2.97 -9.67
C ALA B 104 -5.79 4.26 -9.90
N ASP B 105 -4.46 4.13 -9.89
CA ASP B 105 -3.54 5.22 -10.21
C ASP B 105 -2.96 4.93 -11.59
N TYR B 106 -3.10 5.89 -12.51
CA TYR B 106 -2.72 5.69 -13.91
C TYR B 106 -1.45 6.47 -14.20
N HIS B 107 -0.43 5.77 -14.70
CA HIS B 107 0.86 6.36 -15.00
C HIS B 107 1.17 6.23 -16.48
N CYS B 108 1.73 7.28 -17.06
CA CYS B 108 2.34 7.14 -18.37
C CYS B 108 3.83 6.87 -18.21
N GLY B 109 4.45 6.41 -19.28
CA GLY B 109 5.90 6.23 -19.31
C GLY B 109 6.41 6.34 -20.73
N GLN B 110 7.65 6.79 -20.87
CA GLN B 110 8.30 6.90 -22.17
C GLN B 110 9.45 5.91 -22.26
N SER B 111 9.57 5.31 -23.45
CA SER B 111 10.66 4.38 -23.76
C SER B 111 11.39 4.85 -25.00
N TYR B 112 11.35 6.16 -25.24
CA TYR B 112 12.06 6.74 -26.38
C TYR B 112 13.57 6.82 -26.14
N SER B 113 13.97 7.17 -24.92
CA SER B 113 15.38 7.42 -24.63
C SER B 113 15.68 6.97 -23.22
N TYR B 114 16.91 6.50 -23.01
CA TYR B 114 17.39 6.09 -21.68
C TYR B 114 17.84 7.33 -20.91
N PRO B 115 17.49 7.42 -19.62
CA PRO B 115 16.72 6.41 -18.88
C PRO B 115 15.26 6.48 -19.21
N PHE B 116 14.60 5.32 -19.28
CA PHE B 116 13.15 5.32 -19.37
C PHE B 116 12.58 5.98 -18.12
N THR B 117 11.49 6.74 -18.28
CA THR B 117 10.92 7.49 -17.17
C THR B 117 9.41 7.39 -17.15
N PHE B 118 8.84 7.50 -15.95
CA PHE B 118 7.41 7.39 -15.72
C PHE B 118 6.84 8.72 -15.24
N GLY B 119 5.59 8.97 -15.58
CA GLY B 119 4.88 10.07 -14.98
C GLY B 119 4.43 9.73 -13.57
N SER B 120 4.11 10.79 -12.82
CA SER B 120 3.83 10.66 -11.38
C SER B 120 2.47 10.05 -11.09
N GLY B 121 1.60 9.94 -12.10
CA GLY B 121 0.33 9.28 -11.89
C GLY B 121 -0.82 10.21 -11.57
N THR B 122 -1.99 9.90 -12.14
CA THR B 122 -3.24 10.52 -11.74
C THR B 122 -4.14 9.45 -11.15
N LYS B 123 -4.56 9.67 -9.90
CA LYS B 123 -5.47 8.75 -9.22
C LYS B 123 -6.90 8.99 -9.68
N LEU B 124 -7.63 7.91 -9.89
CA LEU B 124 -9.04 8.00 -10.24
C LEU B 124 -9.84 7.55 -9.02
N GLU B 125 -10.58 8.48 -8.44
CA GLU B 125 -11.54 8.19 -7.38
C GLU B 125 -12.92 8.02 -7.98
N ILE B 126 -13.65 7.01 -7.51
CA ILE B 126 -15.01 6.75 -7.95
C ILE B 126 -15.95 7.46 -6.99
N LYS B 127 -16.84 8.30 -7.53
CA LYS B 127 -17.77 9.01 -6.67
C LYS B 127 -18.89 8.09 -6.19
N ARG B 128 -19.33 8.35 -4.97
CA ARG B 128 -20.47 7.63 -4.40
C ARG B 128 -21.23 8.58 -3.48
N ALA B 129 -22.34 8.11 -2.95
CA ALA B 129 -23.12 8.91 -2.03
C ALA B 129 -22.38 9.07 -0.71
N ASP B 130 -22.64 10.18 -0.03
CA ASP B 130 -22.00 10.45 1.24
C ASP B 130 -22.40 9.37 2.25
N ALA B 131 -21.43 8.94 3.05
CA ALA B 131 -21.66 7.94 4.08
C ALA B 131 -20.90 8.33 5.33
N ALA B 132 -21.60 8.31 6.48
CA ALA B 132 -20.98 8.59 7.75
C ALA B 132 -20.17 7.37 8.21
N PRO B 133 -19.09 7.60 8.96
CA PRO B 133 -18.26 6.47 9.39
C PRO B 133 -18.95 5.63 10.46
N THR B 134 -18.59 4.35 10.48
CA THR B 134 -18.91 3.46 11.59
C THR B 134 -17.72 3.50 12.55
N VAL B 135 -17.95 3.94 13.78
CA VAL B 135 -16.88 4.27 14.72
C VAL B 135 -16.86 3.25 15.85
N SER B 136 -15.67 2.71 16.13
CA SER B 136 -15.49 1.74 17.20
C SER B 136 -14.24 2.10 17.99
N ILE B 137 -14.33 2.05 19.32
CA ILE B 137 -13.21 2.34 20.22
C ILE B 137 -12.81 1.10 20.99
N PHE B 138 -11.50 0.97 21.26
CA PHE B 138 -10.94 -0.20 21.94
C PHE B 138 -9.95 0.23 23.01
N PRO B 139 -10.04 -0.32 24.20
CA PRO B 139 -9.08 0.00 25.27
C PRO B 139 -7.77 -0.74 25.06
N PRO B 140 -6.72 -0.36 25.78
CA PRO B 140 -5.48 -1.14 25.76
C PRO B 140 -5.71 -2.58 26.20
N SER B 141 -4.92 -3.49 25.62
CA SER B 141 -4.93 -4.88 26.03
C SER B 141 -4.11 -5.06 27.31
N SER B 142 -4.42 -6.13 28.04
CA SER B 142 -3.60 -6.48 29.21
C SER B 142 -2.17 -6.75 28.81
N GLU B 143 -1.94 -7.37 27.65
CA GLU B 143 -0.59 -7.66 27.22
C GLU B 143 0.22 -6.37 27.05
N GLN B 144 -0.39 -5.35 26.46
CA GLN B 144 0.36 -4.11 26.24
C GLN B 144 0.60 -3.40 27.56
N LEU B 145 -0.40 -3.38 28.45
CA LEU B 145 -0.20 -2.74 29.75
C LEU B 145 0.95 -3.36 30.52
N THR B 146 1.12 -4.68 30.41
CA THR B 146 2.23 -5.35 31.10
C THR B 146 3.58 -4.81 30.66
N SER B 147 3.71 -4.47 29.38
CA SER B 147 4.96 -3.92 28.85
C SER B 147 5.10 -2.43 29.11
N GLY B 148 4.11 -1.79 29.72
CA GLY B 148 4.21 -0.38 30.06
C GLY B 148 3.55 0.58 29.10
N GLY B 149 2.86 0.08 28.07
CA GLY B 149 2.21 0.95 27.10
C GLY B 149 0.70 0.86 27.18
N ALA B 150 0.03 1.87 26.62
CA ALA B 150 -1.42 1.93 26.67
C ALA B 150 -1.89 2.61 25.40
N SER B 151 -2.23 1.82 24.39
CA SER B 151 -2.73 2.36 23.14
C SER B 151 -4.26 2.22 23.13
N VAL B 152 -4.93 3.31 22.83
CA VAL B 152 -6.38 3.34 22.64
C VAL B 152 -6.61 3.51 21.14
N VAL B 153 -7.45 2.66 20.58
CA VAL B 153 -7.61 2.61 19.13
C VAL B 153 -9.04 2.96 18.77
N CYS B 154 -9.20 3.78 17.72
CA CYS B 154 -10.51 4.09 17.17
C CYS B 154 -10.48 3.84 15.68
N PHE B 155 -11.40 3.00 15.20
CA PHE B 155 -11.60 2.79 13.78
C PHE B 155 -12.78 3.63 13.33
N LEU B 156 -12.62 4.31 12.20
CA LEU B 156 -13.67 5.11 11.55
C LEU B 156 -13.80 4.48 10.16
N ASN B 157 -14.80 3.62 9.99
CA ASN B 157 -14.81 2.72 8.84
C ASN B 157 -15.93 3.03 7.85
N ASN B 158 -15.62 2.86 6.56
CA ASN B 158 -16.59 2.86 5.46
C ASN B 158 -17.35 4.18 5.36
N PHE B 159 -16.59 5.25 5.16
CA PHE B 159 -17.16 6.57 5.02
C PHE B 159 -16.83 7.17 3.66
N TYR B 160 -17.56 8.22 3.30
CA TYR B 160 -17.32 8.97 2.05
C TYR B 160 -17.99 10.33 2.16
N PRO B 161 -17.31 11.40 1.74
CA PRO B 161 -16.00 11.49 1.11
C PRO B 161 -14.81 11.27 2.05
N LYS B 162 -13.61 11.51 1.51
CA LYS B 162 -12.37 11.04 2.09
C LYS B 162 -11.95 11.83 3.33
N ASP B 163 -12.23 13.14 3.35
CA ASP B 163 -11.75 13.95 4.45
C ASP B 163 -12.51 13.64 5.74
N ILE B 164 -11.78 13.65 6.86
CA ILE B 164 -12.37 13.35 8.16
C ILE B 164 -11.41 13.84 9.22
N ASN B 165 -11.92 14.09 10.41
CA ASN B 165 -11.07 14.50 11.52
C ASN B 165 -11.43 13.71 12.76
N VAL B 166 -10.43 13.38 13.56
CA VAL B 166 -10.63 12.71 14.83
C VAL B 166 -10.07 13.61 15.93
N LYS B 167 -10.81 13.73 17.01
CA LYS B 167 -10.37 14.41 18.22
C LYS B 167 -10.40 13.42 19.36
N TRP B 168 -9.31 13.37 20.11
CA TRP B 168 -9.20 12.50 21.28
C TRP B 168 -9.36 13.35 22.53
N LYS B 169 -10.17 12.87 23.47
CA LYS B 169 -10.32 13.54 24.75
C LYS B 169 -10.00 12.56 25.87
N ILE B 170 -9.34 13.08 26.90
CA ILE B 170 -9.06 12.33 28.10
C ILE B 170 -9.72 13.09 29.26
N ASP B 171 -10.68 12.45 29.92
CA ASP B 171 -11.46 13.10 30.99
C ASP B 171 -12.04 14.42 30.50
N GLY B 172 -12.46 14.46 29.25
CA GLY B 172 -13.13 15.60 28.68
C GLY B 172 -12.23 16.63 28.01
N SER B 173 -10.92 16.54 28.20
CA SER B 173 -9.96 17.51 27.68
C SER B 173 -9.24 16.95 26.47
N GLU B 174 -9.10 17.77 25.44
CA GLU B 174 -8.46 17.33 24.20
C GLU B 174 -7.00 16.97 24.44
N ARG B 175 -6.56 15.90 23.77
CA ARG B 175 -5.17 15.45 23.76
C ARG B 175 -4.75 15.28 22.32
N GLN B 176 -3.66 15.93 21.91
CA GLN B 176 -3.14 15.81 20.56
C GLN B 176 -1.82 15.06 20.48
N ASN B 177 -1.00 15.12 21.51
CA ASN B 177 0.26 14.39 21.51
C ASN B 177 0.00 12.89 21.67
N GLY B 178 0.74 12.10 20.90
CA GLY B 178 0.63 10.65 20.96
C GLY B 178 -0.37 10.04 20.02
N VAL B 179 -0.94 10.81 19.09
CA VAL B 179 -1.96 10.31 18.17
C VAL B 179 -1.30 9.94 16.85
N LEU B 180 -1.60 8.73 16.39
CA LEU B 180 -1.11 8.21 15.12
C LEU B 180 -2.30 7.85 14.25
N ASN B 181 -2.37 8.40 13.04
CA ASN B 181 -3.47 8.16 12.13
C ASN B 181 -3.00 7.49 10.84
N SER B 182 -3.86 6.63 10.29
CA SER B 182 -3.59 6.00 9.00
C SER B 182 -4.90 5.86 8.25
N TRP B 183 -4.86 6.09 6.93
CA TRP B 183 -6.05 6.06 6.10
C TRP B 183 -5.89 5.00 5.03
N THR B 184 -6.95 4.24 4.76
CA THR B 184 -6.87 3.31 3.65
C THR B 184 -7.02 4.04 2.33
N ASP B 185 -6.60 3.36 1.27
CA ASP B 185 -6.99 3.76 -0.07
C ASP B 185 -8.49 3.51 -0.25
N GLN B 186 -9.05 4.08 -1.32
CA GLN B 186 -10.48 3.89 -1.56
C GLN B 186 -10.79 2.41 -1.80
N ASP B 187 -11.87 1.94 -1.19
CA ASP B 187 -12.18 0.52 -1.19
C ASP B 187 -12.76 0.11 -2.54
N SER B 188 -12.21 -0.97 -3.10
CA SER B 188 -12.64 -1.43 -4.43
C SER B 188 -14.10 -1.84 -4.44
N LYS B 189 -14.59 -2.42 -3.34
CA LYS B 189 -15.92 -3.03 -3.37
C LYS B 189 -17.04 -2.02 -3.14
N ASP B 190 -16.83 -1.01 -2.29
CA ASP B 190 -17.94 -0.11 -1.98
C ASP B 190 -17.60 1.37 -2.15
N SER B 191 -16.41 1.69 -2.65
CA SER B 191 -15.99 3.07 -2.91
C SER B 191 -15.87 3.92 -1.66
N THR B 192 -15.79 3.31 -0.47
CA THR B 192 -15.61 4.08 0.75
C THR B 192 -14.14 4.18 1.16
N TYR B 193 -13.90 4.95 2.21
CA TYR B 193 -12.61 5.11 2.85
C TYR B 193 -12.74 4.69 4.31
N SER B 194 -11.61 4.30 4.91
CA SER B 194 -11.58 4.05 6.33
C SER B 194 -10.34 4.69 6.94
N MET B 195 -10.37 4.89 8.26
CA MET B 195 -9.28 5.54 8.96
C MET B 195 -9.12 4.86 10.32
N SER B 196 -7.88 4.72 10.77
CA SER B 196 -7.58 4.21 12.10
C SER B 196 -6.77 5.26 12.83
N SER B 197 -7.16 5.55 14.07
CA SER B 197 -6.47 6.50 14.90
C SER B 197 -6.08 5.83 16.21
N THR B 198 -4.82 5.97 16.60
CA THR B 198 -4.31 5.34 17.82
C THR B 198 -3.72 6.43 18.72
N LEU B 199 -4.24 6.55 19.92
CA LEU B 199 -3.67 7.39 20.96
C LEU B 199 -2.83 6.49 21.85
N THR B 200 -1.52 6.72 21.86
CA THR B 200 -0.64 5.91 22.68
C THR B 200 -0.13 6.71 23.87
N LEU B 201 -0.45 6.23 25.06
CA LEU B 201 0.06 6.75 26.32
C LEU B 201 0.95 5.70 26.95
N THR B 202 1.64 6.09 28.01
CA THR B 202 2.23 5.08 28.86
C THR B 202 1.16 4.52 29.80
N LYS B 203 1.41 3.31 30.32
CA LYS B 203 0.51 2.78 31.34
C LYS B 203 0.39 3.75 32.50
N ASP B 204 1.52 4.33 32.92
CA ASP B 204 1.53 5.29 34.01
C ASP B 204 0.49 6.38 33.81
N GLU B 205 0.50 7.03 32.65
CA GLU B 205 -0.45 8.11 32.41
C GLU B 205 -1.86 7.58 32.21
N TYR B 206 -1.99 6.46 31.49
CA TYR B 206 -3.30 5.89 31.24
C TYR B 206 -4.03 5.59 32.54
N GLU B 207 -3.31 5.05 33.53
CA GLU B 207 -3.95 4.63 34.78
C GLU B 207 -4.30 5.80 35.68
N ARG B 208 -3.90 7.01 35.34
CA ARG B 208 -4.21 8.18 36.14
C ARG B 208 -5.46 8.90 35.66
N HIS B 209 -6.10 8.43 34.59
CA HIS B 209 -7.28 9.08 34.08
C HIS B 209 -8.39 8.04 33.92
N ASN B 210 -9.61 8.52 33.69
CA ASN B 210 -10.76 7.63 33.73
C ASN B 210 -11.44 7.40 32.38
N SER B 211 -11.78 8.46 31.65
CA SER B 211 -12.56 8.33 30.44
C SER B 211 -11.76 8.71 29.20
N TYR B 212 -11.90 7.90 28.15
CA TYR B 212 -11.17 8.06 26.91
C TYR B 212 -12.20 8.13 25.80
N THR B 213 -12.11 9.15 24.96
CA THR B 213 -13.13 9.40 23.96
C THR B 213 -12.47 9.72 22.62
N CYS B 214 -12.98 9.12 21.55
CA CYS B 214 -12.66 9.61 20.22
C CYS B 214 -13.93 10.19 19.59
N GLU B 215 -13.77 11.33 18.94
CA GLU B 215 -14.87 12.03 18.30
C GLU B 215 -14.52 12.15 16.82
N ALA B 216 -15.37 11.61 15.97
CA ALA B 216 -15.16 11.66 14.53
C ALA B 216 -16.06 12.74 13.97
N THR B 217 -15.46 13.71 13.28
CA THR B 217 -16.21 14.73 12.55
C THR B 217 -16.00 14.55 11.06
N HIS B 218 -17.10 14.43 10.33
CA HIS B 218 -17.10 14.11 8.92
C HIS B 218 -18.11 15.03 8.25
N LYS B 219 -17.93 15.23 6.94
CA LYS B 219 -18.80 16.16 6.21
C LYS B 219 -20.28 15.84 6.35
N THR B 220 -20.63 14.59 6.63
CA THR B 220 -22.02 14.20 6.81
C THR B 220 -22.70 14.89 8.00
N SER B 221 -21.94 15.38 8.99
CA SER B 221 -22.56 16.09 10.10
C SER B 221 -21.52 16.91 10.84
N THR B 222 -21.90 18.11 11.27
CA THR B 222 -21.04 18.84 12.19
C THR B 222 -21.11 18.27 13.60
N SER B 223 -22.09 17.43 13.90
CA SER B 223 -22.13 16.77 15.20
C SER B 223 -21.19 15.57 15.16
N PRO B 224 -20.20 15.50 16.05
CA PRO B 224 -19.28 14.36 16.00
C PRO B 224 -19.96 13.07 16.40
N ILE B 225 -19.50 11.99 15.78
CA ILE B 225 -19.82 10.65 16.26
C ILE B 225 -18.85 10.34 17.39
N VAL B 226 -19.39 10.05 18.57
CA VAL B 226 -18.60 9.94 19.80
C VAL B 226 -18.61 8.51 20.30
N LYS B 227 -17.42 7.96 20.53
CA LYS B 227 -17.30 6.66 21.21
C LYS B 227 -16.34 6.81 22.37
N SER B 228 -16.66 6.15 23.47
CA SER B 228 -15.87 6.34 24.67
C SER B 228 -15.92 5.07 25.53
N PHE B 229 -14.98 5.00 26.46
CA PHE B 229 -15.09 4.04 27.53
C PHE B 229 -14.48 4.67 28.76
N ASN B 230 -14.70 4.04 29.90
CA ASN B 230 -13.99 4.45 31.08
C ASN B 230 -13.30 3.24 31.69
N ARG B 231 -12.25 3.51 32.45
CA ARG B 231 -11.46 2.43 33.01
C ARG B 231 -12.18 1.66 34.10
N ASN B 232 -13.34 2.15 34.58
CA ASN B 232 -14.16 1.40 35.52
C ASN B 232 -15.02 0.33 34.84
N GLU B 233 -15.28 0.48 33.55
CA GLU B 233 -16.14 -0.45 32.84
C GLU B 233 -15.46 -1.81 32.67
#